data_1DMB
#
_entry.id   1DMB
#
_cell.length_a   38.860
_cell.length_b   44.320
_cell.length_c   58.310
_cell.angle_alpha   101.50
_cell.angle_beta   99.30
_cell.angle_gamma   102.20
#
_symmetry.space_group_name_H-M   'P 1'
#
loop_
_entity.id
_entity.type
_entity.pdbx_description
1 polymer 'D-MALTODEXTRIN BINDING PROTEIN'
2 branched Cycloheptakis-(1-4)-(alpha-D-glucopyranose)
3 water water
#
_entity_poly.entity_id   1
_entity_poly.type   'polypeptide(L)'
_entity_poly.pdbx_seq_one_letter_code
;KIEEGKLVIWINGDKGYNGLAEVGKKFEKDTGIKVTVEHPDKLEEKFPQVAATGDGPDIIFWAHDRFGGYAQSGLLAEIT
PDKAFQDKLYPFTWDAVRYNGKLIAYPIAVEALSLIYNKDLLPNPPKTWEEIPALDKELKAKGKSALMFNLQEPYFTWPL
IAADGGYAFKYENGKYDIKDVGVDNAGAKAGLTFLVDLIKNKHMNADTDYSIAEAAFNKGETAMTINGPWAWSNIDTSKV
NYGVTVLPTFKGQPSKPFVGVLSAGINAASPNKELAKEFLENYLLTDEGLEAVNKDKPLGAVALKSYEEELAKDPRIAAT
MENAQKGEIMPNIPQMSAFWYAVRTAVINAASGRQTVDEALKDAQTRITK
;
_entity_poly.pdbx_strand_id   A
#
loop_
_chem_comp.id
_chem_comp.type
_chem_comp.name
_chem_comp.formula
GLC D-saccharide, alpha linking alpha-D-glucopyranose 'C6 H12 O6'
#
# COMPACT_ATOMS: atom_id res chain seq x y z
N LYS A 1 -15.28 17.21 23.58
CA LYS A 1 -14.40 18.42 23.54
C LYS A 1 -14.32 18.85 22.08
N ILE A 2 -15.40 19.46 21.66
CA ILE A 2 -15.61 19.95 20.29
C ILE A 2 -14.92 21.27 20.09
N GLU A 3 -13.62 21.32 20.29
CA GLU A 3 -12.86 22.58 20.12
C GLU A 3 -13.55 23.65 19.32
N GLU A 4 -14.03 23.48 18.11
CA GLU A 4 -14.73 24.52 17.34
C GLU A 4 -13.92 25.75 16.96
N GLY A 5 -14.07 26.11 15.69
CA GLY A 5 -13.44 27.26 15.05
C GLY A 5 -11.93 27.16 14.89
N LYS A 6 -11.49 25.90 14.97
CA LYS A 6 -10.13 25.46 14.87
C LYS A 6 -10.06 24.19 14.01
N LEU A 7 -8.84 23.97 13.57
CA LEU A 7 -8.55 22.77 12.77
C LEU A 7 -7.39 22.07 13.48
N VAL A 8 -7.57 20.78 13.73
CA VAL A 8 -6.52 19.95 14.37
C VAL A 8 -6.47 18.67 13.52
N ILE A 9 -5.26 18.45 13.02
CA ILE A 9 -4.90 17.34 12.16
C ILE A 9 -3.86 16.47 12.85
N TRP A 10 -4.06 15.19 12.63
CA TRP A 10 -3.20 14.14 13.17
C TRP A 10 -2.61 13.37 11.98
N ILE A 11 -1.29 13.40 11.95
CA ILE A 11 -0.54 12.71 10.88
C ILE A 11 0.63 11.94 11.47
N ASN A 12 0.95 10.77 10.92
CA ASN A 12 2.10 9.99 11.42
C ASN A 12 3.38 10.84 11.34
N GLY A 13 4.31 10.57 12.23
CA GLY A 13 5.58 11.25 12.33
C GLY A 13 6.55 11.14 11.17
N ASP A 14 6.46 10.11 10.39
CA ASP A 14 7.29 9.81 9.24
C ASP A 14 6.69 10.38 7.97
N LYS A 15 5.93 11.45 8.11
CA LYS A 15 5.30 12.11 6.94
C LYS A 15 5.63 13.60 6.90
N GLY A 16 5.20 14.23 5.83
CA GLY A 16 5.47 15.64 5.60
C GLY A 16 4.59 16.58 6.41
N TYR A 17 4.71 16.44 7.72
CA TYR A 17 3.94 17.24 8.66
C TYR A 17 4.33 18.69 8.77
N ASN A 18 5.47 19.11 8.23
CA ASN A 18 5.86 20.53 8.28
C ASN A 18 5.30 21.19 7.00
N GLY A 19 5.34 20.38 5.96
CA GLY A 19 4.81 20.90 4.67
C GLY A 19 3.32 21.14 4.85
N LEU A 20 2.71 20.14 5.47
CA LEU A 20 1.29 20.10 5.78
C LEU A 20 0.92 21.34 6.61
N ALA A 21 1.79 21.72 7.51
CA ALA A 21 1.59 22.91 8.35
C ALA A 21 1.58 24.18 7.52
N GLU A 22 2.50 24.34 6.62
CA GLU A 22 2.58 25.50 5.73
C GLU A 22 1.29 25.66 4.94
N VAL A 23 0.63 24.54 4.66
CA VAL A 23 -0.65 24.54 3.92
C VAL A 23 -1.74 25.11 4.88
N GLY A 24 -1.49 24.80 6.13
CA GLY A 24 -2.29 25.14 7.29
C GLY A 24 -2.24 26.64 7.52
N LYS A 25 -1.04 27.16 7.32
CA LYS A 25 -0.75 28.60 7.45
C LYS A 25 -1.43 29.31 6.31
N LYS A 26 -1.36 28.66 5.15
CA LYS A 26 -1.98 29.23 3.94
C LYS A 26 -3.47 29.36 4.23
N PHE A 27 -4.05 28.29 4.75
CA PHE A 27 -5.48 28.30 5.07
C PHE A 27 -5.83 29.46 6.01
N GLU A 28 -5.02 29.59 7.02
CA GLU A 28 -5.17 30.59 8.07
C GLU A 28 -5.20 32.01 7.54
N LYS A 29 -4.66 32.19 6.35
CA LYS A 29 -4.59 33.50 5.69
C LYS A 29 -5.88 33.88 4.99
N ASP A 30 -6.56 32.96 4.34
CA ASP A 30 -7.81 33.36 3.66
C ASP A 30 -9.02 33.19 4.61
N THR A 31 -8.75 32.63 5.77
CA THR A 31 -9.81 32.28 6.71
C THR A 31 -9.72 32.74 8.14
N GLY A 32 -8.56 33.06 8.66
CA GLY A 32 -8.50 33.46 10.07
C GLY A 32 -8.58 32.26 11.01
N ILE A 33 -8.91 31.11 10.42
CA ILE A 33 -8.99 29.86 11.19
C ILE A 33 -7.60 29.24 11.32
N LYS A 34 -7.29 28.90 12.54
CA LYS A 34 -6.03 28.24 12.89
C LYS A 34 -6.13 26.72 12.61
N VAL A 35 -5.01 26.25 12.09
CA VAL A 35 -4.82 24.83 11.78
C VAL A 35 -3.74 24.42 12.80
N THR A 36 -3.64 23.14 13.02
CA THR A 36 -2.69 22.56 13.95
C THR A 36 -2.51 21.07 13.56
N VAL A 37 -1.28 20.76 13.23
CA VAL A 37 -0.88 19.41 12.83
C VAL A 37 -0.05 18.83 13.98
N GLU A 38 -0.37 17.61 14.36
CA GLU A 38 0.36 16.90 15.41
C GLU A 38 0.67 15.52 14.86
N HIS A 39 1.66 14.90 15.47
CA HIS A 39 2.14 13.56 15.10
C HIS A 39 2.44 12.73 16.36
N PRO A 40 1.37 12.41 17.07
CA PRO A 40 1.47 11.64 18.31
C PRO A 40 1.83 10.20 18.00
N ASP A 41 2.67 9.67 18.87
CA ASP A 41 3.11 8.25 18.76
C ASP A 41 1.79 7.43 18.83
N LYS A 42 1.79 6.34 18.11
CA LYS A 42 0.61 5.47 18.18
C LYS A 42 -0.72 6.11 17.91
N LEU A 43 -0.79 7.07 17.03
CA LEU A 43 -2.02 7.78 16.68
C LEU A 43 -3.07 6.83 16.14
N GLU A 44 -2.68 5.79 15.47
CA GLU A 44 -3.63 4.85 14.88
C GLU A 44 -4.35 4.09 15.97
N GLU A 45 -3.81 4.11 17.17
CA GLU A 45 -4.47 3.41 18.28
C GLU A 45 -5.18 4.35 19.23
N LYS A 46 -4.64 5.53 19.38
CA LYS A 46 -5.16 6.58 20.23
C LYS A 46 -6.43 7.14 19.62
N PHE A 47 -6.47 7.22 18.29
CA PHE A 47 -7.64 7.77 17.62
C PHE A 47 -8.93 7.11 18.11
N PRO A 48 -9.08 5.82 17.89
CA PRO A 48 -10.28 5.08 18.29
C PRO A 48 -10.63 5.26 19.75
N GLN A 49 -9.63 5.39 20.59
CA GLN A 49 -9.87 5.56 22.02
C GLN A 49 -10.42 6.95 22.29
N VAL A 50 -9.74 8.01 21.92
CA VAL A 50 -10.23 9.38 22.18
C VAL A 50 -11.51 9.74 21.44
N ALA A 51 -11.68 9.28 20.23
CA ALA A 51 -12.84 9.57 19.40
C ALA A 51 -14.11 8.90 19.91
N ALA A 52 -14.00 7.70 20.46
CA ALA A 52 -15.18 6.99 20.97
C ALA A 52 -15.92 7.92 21.93
N THR A 53 -15.20 8.79 22.60
CA THR A 53 -15.75 9.75 23.55
C THR A 53 -15.83 11.19 23.05
N GLY A 54 -16.09 11.34 21.76
CA GLY A 54 -16.24 12.62 21.12
C GLY A 54 -15.02 13.51 21.17
N ASP A 55 -13.85 12.92 21.31
CA ASP A 55 -12.59 13.67 21.33
C ASP A 55 -11.80 13.36 20.02
N GLY A 56 -10.55 13.77 20.11
CA GLY A 56 -9.52 13.63 19.08
C GLY A 56 -9.49 14.83 18.11
N PRO A 57 -8.84 14.62 16.97
CA PRO A 57 -8.71 15.64 15.94
C PRO A 57 -9.90 15.64 15.02
N ASP A 58 -9.96 16.71 14.26
CA ASP A 58 -10.99 16.98 13.24
C ASP A 58 -10.77 16.06 12.07
N ILE A 59 -9.46 15.96 11.77
CA ILE A 59 -8.98 15.10 10.66
C ILE A 59 -7.84 14.21 11.07
N ILE A 60 -7.88 12.99 10.55
CA ILE A 60 -6.83 11.97 10.83
C ILE A 60 -6.21 11.49 9.52
N PHE A 61 -4.88 11.34 9.52
CA PHE A 61 -4.25 10.79 8.26
C PHE A 61 -3.75 9.35 8.53
N TRP A 62 -4.21 8.40 7.74
CA TRP A 62 -3.73 7.02 7.90
C TRP A 62 -4.04 6.21 6.66
N ALA A 63 -3.32 5.11 6.47
CA ALA A 63 -3.54 4.23 5.29
C ALA A 63 -4.97 3.77 5.38
N HIS A 64 -5.62 3.57 4.27
CA HIS A 64 -7.04 3.26 4.22
C HIS A 64 -7.54 2.03 4.91
N ASP A 65 -6.67 1.02 4.99
CA ASP A 65 -7.11 -0.26 5.58
C ASP A 65 -7.55 -0.12 7.01
N ARG A 66 -7.14 0.87 7.77
CA ARG A 66 -7.57 1.02 9.17
C ARG A 66 -8.96 1.72 9.27
N PHE A 67 -9.26 2.47 8.25
CA PHE A 67 -10.50 3.23 8.14
C PHE A 67 -11.75 2.38 8.19
N GLY A 68 -11.71 1.13 7.84
CA GLY A 68 -12.91 0.27 7.85
C GLY A 68 -13.25 -0.07 9.30
N GLY A 69 -12.26 -0.19 10.15
CA GLY A 69 -12.48 -0.50 11.57
C GLY A 69 -13.11 0.70 12.28
N TYR A 70 -12.60 1.85 11.97
CA TYR A 70 -13.02 3.17 12.48
C TYR A 70 -14.48 3.44 12.12
N ALA A 71 -14.76 3.21 10.87
CA ALA A 71 -16.08 3.41 10.28
C ALA A 71 -17.13 2.45 10.83
N GLN A 72 -16.63 1.29 11.25
CA GLN A 72 -17.62 0.27 11.74
C GLN A 72 -18.18 0.80 13.04
N SER A 73 -17.35 1.48 13.78
CA SER A 73 -17.64 2.13 15.05
C SER A 73 -18.18 3.57 14.91
N GLY A 74 -18.52 3.97 13.74
CA GLY A 74 -19.04 5.29 13.38
C GLY A 74 -18.19 6.45 13.84
N LEU A 75 -16.88 6.34 13.69
CA LEU A 75 -15.92 7.34 14.13
C LEU A 75 -15.55 8.39 13.07
N LEU A 76 -15.89 8.10 11.86
CA LEU A 76 -15.60 8.92 10.70
C LEU A 76 -16.84 9.53 10.08
N ALA A 77 -16.80 10.82 9.77
CA ALA A 77 -17.98 11.41 9.11
C ALA A 77 -18.00 11.02 7.65
N GLU A 78 -19.16 10.84 7.09
CA GLU A 78 -19.31 10.55 5.66
C GLU A 78 -19.00 11.83 4.87
N ILE A 79 -18.35 11.63 3.73
CA ILE A 79 -17.96 12.76 2.88
C ILE A 79 -18.81 12.77 1.64
N THR A 80 -19.00 13.98 1.15
CA THR A 80 -19.79 14.23 -0.06
C THR A 80 -19.11 15.20 -1.02
N PRO A 81 -18.14 14.71 -1.77
CA PRO A 81 -17.44 15.57 -2.74
C PRO A 81 -18.38 15.57 -3.95
N ASP A 82 -18.24 16.54 -4.80
CA ASP A 82 -19.07 16.67 -6.02
C ASP A 82 -18.37 15.91 -7.16
N LYS A 83 -19.16 15.49 -8.14
CA LYS A 83 -18.66 14.74 -9.27
C LYS A 83 -17.41 15.39 -9.85
N ALA A 84 -17.34 16.69 -9.90
CA ALA A 84 -16.23 17.43 -10.49
C ALA A 84 -14.96 17.42 -9.63
N PHE A 85 -15.13 17.17 -8.34
CA PHE A 85 -13.97 17.07 -7.44
C PHE A 85 -13.53 15.59 -7.60
N GLN A 86 -14.55 14.75 -7.68
CA GLN A 86 -14.31 13.31 -7.83
C GLN A 86 -13.49 13.04 -9.09
N ASP A 87 -13.80 13.60 -10.22
CA ASP A 87 -13.10 13.46 -11.48
C ASP A 87 -11.67 14.01 -11.41
N LYS A 88 -11.27 14.55 -10.29
CA LYS A 88 -9.89 15.07 -10.18
C LYS A 88 -8.90 14.07 -9.57
N LEU A 89 -9.39 12.93 -9.16
CA LEU A 89 -8.60 11.87 -8.56
C LEU A 89 -8.85 10.61 -9.39
N TYR A 90 -7.84 9.72 -9.28
CA TYR A 90 -7.95 8.46 -10.05
C TYR A 90 -9.12 7.69 -9.47
N PRO A 91 -9.95 7.16 -10.35
CA PRO A 91 -11.17 6.42 -9.98
C PRO A 91 -10.95 5.31 -8.97
N PHE A 92 -9.98 4.49 -9.33
CA PHE A 92 -9.63 3.34 -8.49
C PHE A 92 -9.49 3.78 -7.05
N THR A 93 -8.89 4.90 -6.75
CA THR A 93 -8.67 5.40 -5.41
C THR A 93 -9.91 5.73 -4.58
N TRP A 94 -11.04 5.91 -5.23
CA TRP A 94 -12.29 6.20 -4.47
C TRP A 94 -12.81 4.90 -3.84
N ASP A 95 -12.63 3.79 -4.53
CA ASP A 95 -13.03 2.48 -4.00
C ASP A 95 -12.22 2.09 -2.75
N ALA A 96 -11.15 2.78 -2.48
CA ALA A 96 -10.31 2.46 -1.32
C ALA A 96 -10.93 3.02 -0.05
N VAL A 97 -11.76 4.05 -0.28
CA VAL A 97 -12.37 4.81 0.81
C VAL A 97 -13.87 4.67 0.97
N ARG A 98 -14.52 3.76 0.32
CA ARG A 98 -15.92 3.45 0.48
C ARG A 98 -16.06 2.32 1.54
N TYR A 99 -16.83 2.57 2.57
CA TYR A 99 -17.10 1.59 3.63
C TYR A 99 -18.62 1.35 3.63
N ASN A 100 -19.02 0.10 3.51
CA ASN A 100 -20.50 -0.14 3.55
C ASN A 100 -21.19 0.72 2.49
N GLY A 101 -20.51 0.91 1.38
CA GLY A 101 -21.04 1.70 0.25
C GLY A 101 -21.08 3.20 0.48
N LYS A 102 -20.35 3.69 1.47
CA LYS A 102 -20.27 5.10 1.81
C LYS A 102 -18.84 5.63 1.82
N LEU A 103 -18.69 6.85 1.31
CA LEU A 103 -17.40 7.56 1.24
C LEU A 103 -17.03 8.04 2.63
N ILE A 104 -15.92 7.54 3.15
CA ILE A 104 -15.49 7.90 4.48
C ILE A 104 -14.19 8.65 4.59
N ALA A 105 -13.55 8.97 3.49
CA ALA A 105 -12.27 9.71 3.62
C ALA A 105 -11.80 10.13 2.24
N TYR A 106 -10.79 10.98 2.27
CA TYR A 106 -10.25 11.45 0.99
C TYR A 106 -8.92 10.73 0.72
N PRO A 107 -8.80 10.23 -0.47
CA PRO A 107 -7.54 9.57 -0.90
C PRO A 107 -6.42 10.56 -1.13
N ILE A 108 -5.26 10.50 -0.55
CA ILE A 108 -4.10 11.34 -0.71
C ILE A 108 -3.00 10.77 -1.66
N ALA A 109 -2.25 9.85 -1.10
CA ALA A 109 -1.14 9.11 -1.73
C ALA A 109 -1.49 7.65 -1.98
N VAL A 110 -0.79 7.04 -2.95
CA VAL A 110 -1.03 5.62 -3.34
C VAL A 110 0.29 4.84 -3.26
N GLU A 111 0.31 3.69 -2.62
CA GLU A 111 1.54 2.86 -2.51
C GLU A 111 1.28 1.45 -3.01
N ALA A 112 2.32 0.88 -3.59
CA ALA A 112 2.23 -0.50 -4.14
C ALA A 112 3.68 -0.98 -4.30
N LEU A 113 3.87 -2.29 -4.30
CA LEU A 113 5.27 -2.83 -4.42
C LEU A 113 5.69 -2.68 -5.89
N SER A 114 7.02 -2.64 -6.02
CA SER A 114 7.57 -2.58 -7.40
C SER A 114 8.79 -3.54 -7.51
N LEU A 115 9.14 -3.81 -8.74
CA LEU A 115 10.39 -4.59 -9.00
C LEU A 115 11.59 -3.69 -9.04
N ILE A 116 12.50 -3.63 -8.12
CA ILE A 116 13.67 -2.80 -8.04
C ILE A 116 14.89 -3.56 -8.58
N TYR A 117 15.69 -3.09 -9.48
CA TYR A 117 16.82 -3.92 -9.96
C TYR A 117 18.11 -3.13 -9.98
N ASN A 118 19.19 -3.90 -10.01
CA ASN A 118 20.55 -3.38 -10.04
C ASN A 118 20.92 -3.31 -11.52
N LYS A 119 20.97 -2.08 -11.96
CA LYS A 119 21.21 -1.66 -13.33
C LYS A 119 22.54 -2.16 -13.89
N ASP A 120 23.47 -2.27 -12.97
CA ASP A 120 24.84 -2.72 -13.18
C ASP A 120 24.91 -4.21 -13.49
N LEU A 121 24.34 -5.04 -12.66
CA LEU A 121 24.29 -6.49 -12.80
C LEU A 121 23.28 -6.94 -13.83
N LEU A 122 22.22 -6.14 -13.95
CA LEU A 122 21.10 -6.49 -14.83
C LEU A 122 20.61 -5.30 -15.59
N PRO A 123 21.26 -5.10 -16.72
CA PRO A 123 20.97 -3.99 -17.64
C PRO A 123 19.54 -3.95 -18.14
N ASN A 124 18.85 -5.08 -18.02
CA ASN A 124 17.45 -5.17 -18.45
C ASN A 124 16.73 -6.12 -17.52
N PRO A 125 15.64 -5.65 -16.95
CA PRO A 125 14.88 -6.46 -16.02
C PRO A 125 14.03 -7.46 -16.79
N PRO A 126 13.83 -8.58 -16.10
CA PRO A 126 12.99 -9.66 -16.61
C PRO A 126 11.53 -9.23 -16.71
N LYS A 127 10.86 -9.60 -17.77
CA LYS A 127 9.45 -9.21 -17.89
C LYS A 127 8.48 -10.29 -17.50
N THR A 128 9.08 -11.41 -17.17
CA THR A 128 8.46 -12.69 -16.81
C THR A 128 8.98 -13.29 -15.53
N TRP A 129 8.05 -13.92 -14.78
CA TRP A 129 8.50 -14.56 -13.52
C TRP A 129 9.19 -15.91 -13.92
N GLU A 130 8.63 -16.50 -14.93
CA GLU A 130 9.03 -17.79 -15.46
C GLU A 130 10.50 -17.83 -15.89
N GLU A 131 10.97 -16.67 -16.31
CA GLU A 131 12.34 -16.51 -16.80
C GLU A 131 13.32 -16.15 -15.74
N ILE A 132 12.93 -16.17 -14.47
CA ILE A 132 13.88 -15.82 -13.40
C ILE A 132 14.76 -16.98 -12.98
N PRO A 133 14.25 -18.17 -12.99
CA PRO A 133 15.06 -19.35 -12.60
C PRO A 133 16.29 -19.44 -13.46
N ALA A 134 16.22 -19.21 -14.75
CA ALA A 134 17.35 -19.23 -15.66
C ALA A 134 18.38 -18.15 -15.38
N LEU A 135 17.85 -16.96 -15.11
CA LEU A 135 18.63 -15.78 -14.80
C LEU A 135 19.49 -15.98 -13.57
N ASP A 136 18.90 -16.77 -12.69
CA ASP A 136 19.56 -17.03 -11.39
C ASP A 136 20.81 -17.91 -11.65
N LYS A 137 20.60 -18.93 -12.50
CA LYS A 137 21.75 -19.85 -12.77
C LYS A 137 22.77 -19.06 -13.58
N GLU A 138 22.24 -18.26 -14.49
CA GLU A 138 23.05 -17.40 -15.34
C GLU A 138 23.87 -16.43 -14.50
N LEU A 139 23.27 -15.89 -13.45
CA LEU A 139 23.91 -14.93 -12.57
C LEU A 139 24.70 -15.63 -11.47
N LYS A 140 24.30 -16.83 -11.13
CA LYS A 140 25.03 -17.55 -10.07
C LYS A 140 26.41 -17.98 -10.53
N ALA A 141 26.58 -18.03 -11.83
CA ALA A 141 27.85 -18.39 -12.46
C ALA A 141 28.90 -17.35 -12.16
N LYS A 142 28.47 -16.17 -11.74
CA LYS A 142 29.41 -15.09 -11.42
C LYS A 142 29.39 -14.75 -9.95
N GLY A 143 28.71 -15.55 -9.15
CA GLY A 143 28.66 -15.31 -7.71
C GLY A 143 27.50 -14.46 -7.20
N LYS A 144 26.53 -14.10 -8.01
CA LYS A 144 25.38 -13.28 -7.68
C LYS A 144 24.06 -14.01 -7.83
N SER A 145 23.04 -13.63 -7.09
CA SER A 145 21.69 -14.22 -7.21
C SER A 145 20.84 -13.26 -8.06
N ALA A 146 19.76 -13.82 -8.55
CA ALA A 146 18.78 -13.11 -9.34
C ALA A 146 17.86 -12.24 -8.46
N LEU A 147 17.12 -12.89 -7.56
CA LEU A 147 16.11 -12.17 -6.77
C LEU A 147 16.17 -12.42 -5.29
N MET A 148 15.70 -11.48 -4.50
CA MET A 148 15.72 -11.63 -3.03
C MET A 148 14.65 -10.73 -2.40
N PHE A 149 13.61 -11.28 -1.84
CA PHE A 149 12.52 -10.47 -1.22
C PHE A 149 12.02 -11.08 0.08
N ASN A 150 11.18 -10.32 0.78
CA ASN A 150 10.57 -10.79 2.07
C ASN A 150 9.60 -11.92 1.80
N LEU A 151 9.92 -13.11 2.26
CA LEU A 151 9.08 -14.30 2.03
C LEU A 151 8.22 -14.61 3.25
N GLN A 152 8.58 -14.01 4.34
CA GLN A 152 7.96 -14.20 5.64
C GLN A 152 6.65 -13.46 5.83
N GLU A 153 6.26 -12.73 4.82
CA GLU A 153 5.09 -11.87 4.89
C GLU A 153 4.21 -11.92 3.68
N PRO A 154 2.95 -12.22 3.93
CA PRO A 154 1.97 -12.35 2.86
C PRO A 154 1.88 -11.17 1.91
N TYR A 155 2.09 -9.99 2.46
CA TYR A 155 2.06 -8.72 1.68
C TYR A 155 3.00 -8.82 0.47
N PHE A 156 4.19 -9.32 0.72
CA PHE A 156 5.30 -9.50 -0.20
C PHE A 156 5.17 -10.64 -1.19
N THR A 157 4.48 -11.72 -0.83
CA THR A 157 4.28 -12.84 -1.71
C THR A 157 2.98 -12.79 -2.44
N TRP A 158 1.97 -12.05 -2.01
CA TRP A 158 0.68 -11.99 -2.73
C TRP A 158 0.73 -11.62 -4.18
N PRO A 159 1.50 -10.60 -4.60
CA PRO A 159 1.55 -10.21 -6.02
C PRO A 159 1.60 -11.40 -6.97
N LEU A 160 2.42 -12.38 -6.58
CA LEU A 160 2.62 -13.57 -7.42
C LEU A 160 1.45 -14.55 -7.27
N ILE A 161 1.07 -14.76 -5.99
CA ILE A 161 -0.03 -15.70 -5.74
C ILE A 161 -1.29 -15.24 -6.43
N ALA A 162 -1.54 -13.93 -6.43
CA ALA A 162 -2.77 -13.41 -7.07
C ALA A 162 -2.62 -13.23 -8.55
N ALA A 163 -1.44 -13.26 -9.10
CA ALA A 163 -1.20 -13.08 -10.55
C ALA A 163 -2.21 -13.74 -11.45
N ASP A 164 -2.47 -15.02 -11.22
CA ASP A 164 -3.36 -15.82 -12.06
C ASP A 164 -4.73 -16.14 -11.57
N GLY A 165 -5.30 -15.40 -10.62
CA GLY A 165 -6.67 -15.69 -10.21
C GLY A 165 -7.01 -15.46 -8.78
N GLY A 166 -6.03 -15.42 -7.92
CA GLY A 166 -6.20 -15.23 -6.49
C GLY A 166 -6.71 -13.83 -6.15
N TYR A 167 -7.39 -13.77 -5.03
CA TYR A 167 -7.98 -12.55 -4.45
C TYR A 167 -8.27 -12.82 -2.97
N ALA A 168 -8.50 -11.77 -2.22
CA ALA A 168 -8.78 -11.89 -0.78
C ALA A 168 -10.30 -12.08 -0.62
N PHE A 169 -11.03 -11.05 -1.02
CA PHE A 169 -12.48 -10.96 -1.00
C PHE A 169 -13.01 -10.34 -2.29
N LYS A 170 -14.09 -10.86 -2.80
CA LYS A 170 -14.76 -10.37 -4.00
C LYS A 170 -15.47 -9.03 -3.79
N TYR A 171 -15.21 -8.12 -4.70
CA TYR A 171 -15.77 -6.76 -4.78
C TYR A 171 -16.59 -6.76 -6.09
N GLU A 172 -17.87 -7.00 -5.89
CA GLU A 172 -18.83 -7.10 -6.99
C GLU A 172 -19.60 -5.80 -7.17
N ASN A 173 -19.35 -4.83 -6.26
CA ASN A 173 -20.11 -3.57 -6.38
C ASN A 173 -19.62 -2.42 -5.54
N GLY A 174 -19.27 -2.66 -4.30
CA GLY A 174 -18.82 -1.54 -3.41
C GLY A 174 -18.84 -2.11 -1.99
N LYS A 175 -19.22 -3.37 -2.00
CA LYS A 175 -19.29 -4.19 -0.79
C LYS A 175 -18.40 -5.42 -1.07
N TYR A 176 -17.80 -5.91 -0.01
CA TYR A 176 -16.94 -7.09 -0.08
C TYR A 176 -17.72 -8.30 0.44
N ASP A 177 -17.76 -9.36 -0.33
CA ASP A 177 -18.42 -10.61 0.11
C ASP A 177 -17.39 -11.37 0.98
N ILE A 178 -17.70 -11.46 2.25
CA ILE A 178 -16.88 -12.06 3.30
C ILE A 178 -16.90 -13.57 3.38
N LYS A 179 -17.55 -14.16 2.40
CA LYS A 179 -17.67 -15.63 2.32
C LYS A 179 -17.10 -16.06 0.97
N ASP A 180 -16.78 -15.06 0.15
CA ASP A 180 -16.19 -15.31 -1.18
C ASP A 180 -14.73 -14.87 -1.20
N VAL A 181 -13.88 -15.77 -0.78
CA VAL A 181 -12.42 -15.75 -0.63
C VAL A 181 -11.78 -16.53 -1.78
N GLY A 182 -10.68 -15.99 -2.30
CA GLY A 182 -9.93 -16.55 -3.43
C GLY A 182 -8.50 -16.95 -3.13
N VAL A 183 -8.34 -17.71 -2.08
CA VAL A 183 -7.04 -18.20 -1.61
C VAL A 183 -6.85 -19.65 -2.06
N ASP A 184 -7.96 -20.28 -2.38
CA ASP A 184 -7.98 -21.71 -2.78
C ASP A 184 -8.33 -21.95 -4.21
N ASN A 185 -8.24 -20.95 -5.07
CA ASN A 185 -8.59 -21.29 -6.49
C ASN A 185 -7.31 -21.78 -7.17
N ALA A 186 -7.49 -22.02 -8.46
CA ALA A 186 -6.52 -22.53 -9.41
C ALA A 186 -5.32 -21.57 -9.52
N GLY A 187 -5.67 -20.31 -9.68
CA GLY A 187 -4.69 -19.24 -9.81
C GLY A 187 -3.77 -19.14 -8.61
N ALA A 188 -4.27 -19.19 -7.42
CA ALA A 188 -3.47 -19.10 -6.20
C ALA A 188 -2.50 -20.25 -6.02
N LYS A 189 -2.95 -21.42 -6.50
CA LYS A 189 -2.16 -22.66 -6.40
C LYS A 189 -1.03 -22.61 -7.42
N ALA A 190 -1.41 -22.12 -8.60
CA ALA A 190 -0.47 -21.98 -9.71
C ALA A 190 0.64 -21.07 -9.20
N GLY A 191 0.31 -19.92 -8.65
CA GLY A 191 1.30 -18.98 -8.14
C GLY A 191 2.07 -19.42 -6.93
N LEU A 192 1.43 -20.11 -5.98
CA LEU A 192 2.14 -20.52 -4.77
C LEU A 192 3.10 -21.68 -5.09
N THR A 193 2.70 -22.46 -6.05
CA THR A 193 3.47 -23.62 -6.53
C THR A 193 4.74 -23.11 -7.20
N PHE A 194 4.59 -22.12 -8.06
CA PHE A 194 5.75 -21.51 -8.76
C PHE A 194 6.78 -21.04 -7.74
N LEU A 195 6.27 -20.38 -6.71
CA LEU A 195 7.10 -19.84 -5.62
C LEU A 195 7.82 -20.93 -4.84
N VAL A 196 7.11 -22.05 -4.65
CA VAL A 196 7.69 -23.17 -3.86
C VAL A 196 8.88 -23.72 -4.63
N ASP A 197 8.68 -23.89 -5.91
CA ASP A 197 9.70 -24.38 -6.85
C ASP A 197 10.99 -23.56 -6.76
N LEU A 198 10.87 -22.26 -6.66
CA LEU A 198 12.00 -21.36 -6.58
C LEU A 198 12.83 -21.66 -5.35
N ILE A 199 12.12 -22.03 -4.31
CA ILE A 199 12.75 -22.35 -3.01
C ILE A 199 13.43 -23.71 -3.04
N LYS A 200 12.76 -24.66 -3.66
CA LYS A 200 13.17 -26.04 -3.83
C LYS A 200 14.34 -26.24 -4.83
N ASN A 201 14.49 -25.30 -5.75
CA ASN A 201 15.57 -25.38 -6.73
C ASN A 201 16.70 -24.42 -6.33
N LYS A 202 16.73 -24.12 -5.06
CA LYS A 202 17.69 -23.28 -4.38
C LYS A 202 17.89 -21.94 -5.06
N HIS A 203 16.88 -21.52 -5.78
CA HIS A 203 16.87 -20.23 -6.47
C HIS A 203 16.44 -19.14 -5.44
N MET A 204 15.93 -19.62 -4.34
CA MET A 204 15.48 -18.85 -3.21
C MET A 204 15.54 -19.72 -1.93
N ASN A 205 15.79 -19.03 -0.87
CA ASN A 205 15.94 -19.39 0.51
C ASN A 205 14.61 -19.14 1.25
N ALA A 206 14.15 -20.15 1.95
CA ALA A 206 12.89 -20.07 2.67
C ALA A 206 12.87 -19.12 3.83
N ASP A 207 13.97 -18.76 4.46
CA ASP A 207 13.89 -17.83 5.60
C ASP A 207 14.36 -16.41 5.29
N THR A 208 14.33 -16.09 4.00
CA THR A 208 14.74 -14.71 3.60
C THR A 208 13.69 -13.74 4.15
N ASP A 209 14.11 -12.86 5.01
CA ASP A 209 13.20 -11.87 5.61
C ASP A 209 13.51 -10.49 4.99
N TYR A 210 12.80 -9.49 5.48
CA TYR A 210 12.94 -8.13 5.03
C TYR A 210 14.39 -7.66 5.08
N SER A 211 14.95 -7.77 6.28
CA SER A 211 16.32 -7.31 6.48
C SER A 211 17.34 -8.09 5.68
N ILE A 212 17.09 -9.34 5.37
CA ILE A 212 18.03 -10.15 4.59
C ILE A 212 17.98 -9.73 3.13
N ALA A 213 16.81 -9.58 2.56
CA ALA A 213 16.69 -9.17 1.16
C ALA A 213 17.20 -7.76 0.93
N GLU A 214 17.13 -6.91 1.94
CA GLU A 214 17.58 -5.52 1.83
C GLU A 214 19.09 -5.41 1.83
N ALA A 215 19.70 -6.09 2.79
CA ALA A 215 21.17 -6.15 2.93
C ALA A 215 21.79 -6.64 1.62
N ALA A 216 21.29 -7.74 1.09
CA ALA A 216 21.70 -8.36 -0.14
C ALA A 216 21.62 -7.44 -1.35
N PHE A 217 20.48 -6.77 -1.58
CA PHE A 217 20.32 -5.92 -2.77
C PHE A 217 21.30 -4.74 -2.74
N ASN A 218 21.32 -4.20 -1.54
CA ASN A 218 22.04 -3.02 -1.14
C ASN A 218 23.55 -3.13 -1.09
N LYS A 219 23.98 -4.37 -0.92
CA LYS A 219 25.46 -4.57 -0.89
C LYS A 219 25.89 -4.95 -2.30
N GLY A 220 24.94 -5.15 -3.18
CA GLY A 220 25.16 -5.53 -4.55
C GLY A 220 25.18 -7.03 -4.83
N GLU A 221 24.99 -7.86 -3.84
CA GLU A 221 24.98 -9.32 -3.96
C GLU A 221 23.88 -9.85 -4.84
N THR A 222 22.65 -9.40 -4.69
CA THR A 222 21.55 -9.89 -5.56
C THR A 222 21.20 -8.84 -6.60
N ALA A 223 20.64 -9.25 -7.73
CA ALA A 223 20.30 -8.33 -8.80
C ALA A 223 18.91 -7.73 -8.81
N MET A 224 17.94 -8.22 -8.06
CA MET A 224 16.56 -7.69 -8.05
C MET A 224 16.12 -7.74 -6.59
N THR A 225 14.99 -7.14 -6.37
CA THR A 225 14.33 -7.10 -5.06
C THR A 225 12.90 -6.66 -5.32
N ILE A 226 12.06 -6.87 -4.31
CA ILE A 226 10.63 -6.45 -4.37
C ILE A 226 10.45 -5.59 -3.12
N ASN A 227 10.14 -4.29 -3.38
CA ASN A 227 9.97 -3.38 -2.23
C ASN A 227 9.11 -2.16 -2.65
N GLY A 228 8.85 -1.38 -1.62
CA GLY A 228 7.99 -0.17 -1.81
C GLY A 228 8.76 1.12 -1.62
N PRO A 229 7.99 2.23 -1.79
CA PRO A 229 8.51 3.59 -1.74
C PRO A 229 9.28 3.91 -0.51
N TRP A 230 8.85 3.33 0.58
CA TRP A 230 9.49 3.50 1.88
C TRP A 230 10.92 3.02 1.89
N ALA A 231 11.31 2.14 0.98
CA ALA A 231 12.63 1.50 0.90
C ALA A 231 13.72 2.20 0.10
N TRP A 232 13.34 3.05 -0.82
CA TRP A 232 14.20 3.83 -1.69
C TRP A 232 15.27 4.61 -0.93
N SER A 233 14.85 5.21 0.17
CA SER A 233 15.75 6.04 0.97
C SER A 233 17.03 5.36 1.38
N ASN A 234 16.97 4.07 1.62
CA ASN A 234 18.12 3.28 2.07
C ASN A 234 19.03 2.86 0.90
N ILE A 235 18.49 2.69 -0.27
CA ILE A 235 19.25 2.29 -1.45
C ILE A 235 20.09 3.48 -1.93
N ASP A 236 19.47 4.64 -1.83
CA ASP A 236 20.20 5.88 -2.24
C ASP A 236 21.51 5.87 -1.44
N THR A 237 21.38 5.80 -0.14
CA THR A 237 22.46 5.74 0.83
C THR A 237 23.50 4.67 0.49
N SER A 238 22.98 3.53 0.08
CA SER A 238 23.75 2.33 -0.27
C SER A 238 24.60 2.57 -1.51
N LYS A 239 24.25 3.58 -2.29
CA LYS A 239 24.96 4.02 -3.49
C LYS A 239 24.83 3.12 -4.70
N VAL A 240 23.87 2.22 -4.69
CA VAL A 240 23.62 1.26 -5.79
C VAL A 240 22.93 1.99 -6.93
N ASN A 241 23.19 1.54 -8.16
CA ASN A 241 22.58 2.16 -9.35
C ASN A 241 21.31 1.42 -9.71
N TYR A 242 20.22 1.75 -9.02
CA TYR A 242 18.95 1.02 -9.29
C TYR A 242 17.94 1.68 -10.17
N GLY A 243 17.02 0.90 -10.68
CA GLY A 243 15.87 1.26 -11.50
C GLY A 243 14.67 0.62 -10.75
N VAL A 244 13.47 1.07 -11.03
CA VAL A 244 12.21 0.60 -10.45
C VAL A 244 11.27 0.38 -11.62
N THR A 245 10.67 -0.75 -11.83
CA THR A 245 9.82 -0.98 -12.99
C THR A 245 8.62 -1.81 -12.65
N VAL A 246 7.79 -2.13 -13.59
CA VAL A 246 6.62 -2.97 -13.34
C VAL A 246 7.00 -4.36 -12.86
N LEU A 247 6.10 -5.01 -12.17
CA LEU A 247 6.31 -6.39 -11.69
C LEU A 247 6.16 -7.35 -12.86
N PRO A 248 6.91 -8.48 -12.76
CA PRO A 248 6.87 -9.46 -13.85
C PRO A 248 5.49 -10.06 -13.89
N THR A 249 5.12 -10.61 -15.01
CA THR A 249 3.88 -11.30 -15.25
C THR A 249 4.06 -12.78 -14.91
N PHE A 250 2.97 -13.48 -14.65
CA PHE A 250 2.96 -14.90 -14.30
C PHE A 250 1.85 -15.51 -15.15
N LYS A 251 2.29 -16.35 -16.08
CA LYS A 251 1.35 -17.01 -16.97
C LYS A 251 0.75 -15.95 -17.90
N GLY A 252 1.55 -14.94 -18.17
CA GLY A 252 1.13 -13.81 -19.01
C GLY A 252 0.16 -12.88 -18.32
N GLN A 253 -0.06 -13.04 -17.03
CA GLN A 253 -0.97 -12.22 -16.23
C GLN A 253 -0.16 -11.38 -15.27
N PRO A 254 -0.60 -10.12 -15.09
CA PRO A 254 0.13 -9.20 -14.22
C PRO A 254 0.23 -9.65 -12.79
N SER A 255 1.30 -9.31 -12.11
CA SER A 255 1.48 -9.58 -10.66
C SER A 255 0.45 -8.62 -9.99
N LYS A 256 -0.21 -9.04 -8.94
CA LYS A 256 -1.27 -8.19 -8.30
C LYS A 256 -0.89 -7.76 -6.92
N PRO A 257 -0.13 -6.67 -6.85
CA PRO A 257 0.32 -6.15 -5.54
C PRO A 257 -0.91 -5.54 -4.82
N PHE A 258 -0.86 -5.60 -3.51
CA PHE A 258 -1.97 -5.00 -2.71
C PHE A 258 -1.77 -3.47 -2.85
N VAL A 259 -2.87 -2.70 -2.77
CA VAL A 259 -2.60 -1.23 -2.89
C VAL A 259 -2.99 -0.54 -1.57
N GLY A 260 -2.16 0.35 -1.09
CA GLY A 260 -2.45 1.10 0.15
C GLY A 260 -2.68 2.57 -0.24
N VAL A 261 -3.76 3.16 0.24
CA VAL A 261 -4.03 4.62 -0.06
C VAL A 261 -3.94 5.45 1.21
N LEU A 262 -3.10 6.44 1.26
CA LEU A 262 -2.98 7.34 2.44
C LEU A 262 -4.33 8.12 2.32
N SER A 263 -4.99 8.22 3.43
CA SER A 263 -6.34 8.88 3.36
C SER A 263 -6.52 9.87 4.47
N ALA A 264 -7.44 10.83 4.26
CA ALA A 264 -7.70 11.82 5.35
C ALA A 264 -9.18 11.69 5.66
N GLY A 265 -9.50 11.49 6.92
CA GLY A 265 -10.91 11.30 7.31
C GLY A 265 -11.19 12.35 8.37
N ILE A 266 -12.47 12.68 8.46
CA ILE A 266 -12.98 13.70 9.40
C ILE A 266 -13.70 12.99 10.56
N ASN A 267 -13.33 13.37 11.75
CA ASN A 267 -13.93 12.85 13.00
C ASN A 267 -15.44 13.11 12.92
N ALA A 268 -16.22 12.08 13.20
CA ALA A 268 -17.70 12.14 13.16
C ALA A 268 -18.17 13.17 14.22
N ALA A 269 -17.32 13.34 15.22
CA ALA A 269 -17.54 14.25 16.32
C ALA A 269 -17.07 15.65 15.98
N SER A 270 -16.33 15.88 14.89
CA SER A 270 -15.92 17.26 14.66
C SER A 270 -17.14 18.18 14.43
N PRO A 271 -17.05 19.30 15.11
CA PRO A 271 -18.02 20.38 14.91
C PRO A 271 -17.64 21.14 13.63
N ASN A 272 -16.38 21.00 13.22
CA ASN A 272 -15.73 21.67 12.09
C ASN A 272 -15.74 20.96 10.76
N LYS A 273 -16.71 20.16 10.45
CA LYS A 273 -16.78 19.40 9.23
C LYS A 273 -16.70 20.15 7.92
N GLU A 274 -17.33 21.32 7.88
CA GLU A 274 -17.35 22.06 6.59
C GLU A 274 -16.00 22.74 6.40
N LEU A 275 -15.36 23.08 7.50
CA LEU A 275 -14.05 23.71 7.50
C LEU A 275 -13.02 22.70 6.96
N ALA A 276 -13.12 21.51 7.49
CA ALA A 276 -12.22 20.38 7.09
C ALA A 276 -12.40 20.03 5.64
N LYS A 277 -13.63 19.94 5.19
CA LYS A 277 -14.00 19.65 3.81
C LYS A 277 -13.39 20.68 2.87
N GLU A 278 -13.40 21.90 3.34
CA GLU A 278 -12.89 23.06 2.57
C GLU A 278 -11.36 22.96 2.48
N PHE A 279 -10.75 22.72 3.63
CA PHE A 279 -9.31 22.64 3.70
C PHE A 279 -8.78 21.47 2.87
N LEU A 280 -9.42 20.33 2.89
CA LEU A 280 -8.99 19.15 2.13
C LEU A 280 -9.20 19.31 0.65
N GLU A 281 -10.46 19.45 0.24
CA GLU A 281 -10.73 19.58 -1.19
C GLU A 281 -10.09 20.76 -1.87
N ASN A 282 -9.90 21.90 -1.20
CA ASN A 282 -9.35 23.09 -1.85
C ASN A 282 -8.03 23.58 -1.33
N TYR A 283 -7.44 23.03 -0.30
CA TYR A 283 -6.14 23.56 0.09
C TYR A 283 -5.04 22.50 -0.08
N LEU A 284 -5.40 21.31 0.42
CA LEU A 284 -4.46 20.18 0.34
C LEU A 284 -4.55 19.49 -1.00
N LEU A 285 -5.71 19.12 -1.46
CA LEU A 285 -5.87 18.39 -2.71
C LEU A 285 -5.75 19.26 -3.96
N THR A 286 -4.66 19.96 -4.05
CA THR A 286 -4.28 20.85 -5.19
C THR A 286 -2.79 20.65 -5.47
N ASP A 287 -2.32 21.13 -6.59
CA ASP A 287 -0.89 21.03 -6.96
C ASP A 287 -0.01 21.72 -5.95
N GLU A 288 -0.33 22.94 -5.56
CA GLU A 288 0.46 23.71 -4.59
C GLU A 288 0.45 23.06 -3.21
N GLY A 289 -0.58 22.34 -2.89
CA GLY A 289 -0.79 21.64 -1.63
C GLY A 289 0.01 20.34 -1.52
N LEU A 290 -0.15 19.43 -2.44
CA LEU A 290 0.59 18.15 -2.47
C LEU A 290 2.07 18.47 -2.63
N GLU A 291 2.38 19.57 -3.32
CA GLU A 291 3.78 19.96 -3.51
C GLU A 291 4.43 20.41 -2.23
N ALA A 292 3.68 21.10 -1.39
CA ALA A 292 4.18 21.62 -0.11
C ALA A 292 4.46 20.52 0.90
N VAL A 293 3.71 19.45 0.87
CA VAL A 293 3.92 18.33 1.81
C VAL A 293 5.10 17.47 1.27
N ASN A 294 4.97 17.27 -0.03
CA ASN A 294 5.92 16.49 -0.84
C ASN A 294 7.33 17.05 -0.70
N LYS A 295 7.49 18.36 -0.83
CA LYS A 295 8.84 18.94 -0.66
C LYS A 295 9.40 18.60 0.71
N ASP A 296 8.52 18.43 1.69
CA ASP A 296 8.93 18.11 3.06
C ASP A 296 9.32 16.63 3.18
N LYS A 297 8.49 15.83 2.53
CA LYS A 297 8.69 14.37 2.55
C LYS A 297 7.79 13.83 1.44
N PRO A 298 8.45 13.11 0.57
CA PRO A 298 7.81 12.53 -0.62
C PRO A 298 6.63 11.68 -0.22
N LEU A 299 5.60 11.75 -1.03
CA LEU A 299 4.36 11.03 -0.85
C LEU A 299 4.29 9.76 -1.70
N GLY A 300 5.13 9.72 -2.72
CA GLY A 300 5.13 8.61 -3.68
C GLY A 300 4.22 9.10 -4.82
N ALA A 301 3.35 8.21 -5.24
CA ALA A 301 2.37 8.48 -6.29
C ALA A 301 1.20 9.11 -5.50
N VAL A 302 0.59 10.12 -6.14
CA VAL A 302 -0.55 10.82 -5.47
C VAL A 302 -1.86 10.47 -6.13
N ALA A 303 -3.02 10.79 -5.52
CA ALA A 303 -4.28 10.41 -6.21
C ALA A 303 -4.76 11.52 -7.14
N LEU A 304 -4.22 12.70 -6.96
CA LEU A 304 -4.58 13.91 -7.75
C LEU A 304 -3.96 13.76 -9.13
N LYS A 305 -4.78 13.49 -10.11
CA LYS A 305 -4.32 13.30 -11.49
C LYS A 305 -3.36 14.38 -11.96
N SER A 306 -3.76 15.64 -11.75
CA SER A 306 -2.96 16.78 -12.22
C SER A 306 -1.56 16.68 -11.68
N TYR A 307 -1.42 16.53 -10.39
CA TYR A 307 -0.06 16.53 -9.84
C TYR A 307 0.67 15.20 -10.13
N GLU A 308 -0.13 14.17 -10.31
CA GLU A 308 0.49 12.85 -10.55
C GLU A 308 1.31 13.03 -11.81
N GLU A 309 0.65 13.44 -12.88
CA GLU A 309 1.35 13.63 -14.17
C GLU A 309 2.67 14.31 -14.04
N GLU A 310 2.88 15.26 -13.15
CA GLU A 310 4.17 15.90 -13.04
C GLU A 310 5.17 15.10 -12.25
N LEU A 311 4.68 14.33 -11.30
CA LEU A 311 5.51 13.51 -10.43
C LEU A 311 6.03 12.27 -11.18
N ALA A 312 5.23 11.76 -12.05
CA ALA A 312 5.47 10.61 -12.86
C ALA A 312 6.59 10.84 -13.89
N LYS A 313 7.40 11.85 -13.67
CA LYS A 313 8.55 12.22 -14.51
C LYS A 313 9.77 11.54 -13.86
N ASP A 314 9.51 11.07 -12.67
CA ASP A 314 10.45 10.24 -11.89
C ASP A 314 9.90 8.82 -12.19
N PRO A 315 10.76 8.09 -12.89
CA PRO A 315 10.36 6.71 -13.30
C PRO A 315 10.05 5.89 -12.07
N ARG A 316 10.64 6.16 -10.93
CA ARG A 316 10.28 5.37 -9.73
C ARG A 316 8.80 5.57 -9.39
N ILE A 317 8.32 6.80 -9.61
CA ILE A 317 6.90 7.08 -9.29
C ILE A 317 5.97 6.55 -10.34
N ALA A 318 6.32 6.67 -11.59
CA ALA A 318 5.43 6.17 -12.64
C ALA A 318 5.23 4.66 -12.51
N ALA A 319 6.28 4.01 -12.05
CA ALA A 319 6.27 2.54 -11.90
C ALA A 319 5.39 2.19 -10.72
N THR A 320 5.47 2.92 -9.65
CA THR A 320 4.60 2.66 -8.48
C THR A 320 3.13 2.73 -8.90
N MET A 321 2.77 3.76 -9.66
CA MET A 321 1.39 3.92 -10.12
C MET A 321 1.00 2.81 -11.04
N GLU A 322 1.88 2.45 -11.98
CA GLU A 322 1.59 1.39 -12.94
C GLU A 322 1.27 0.08 -12.19
N ASN A 323 1.98 -0.17 -11.14
CA ASN A 323 1.84 -1.36 -10.31
C ASN A 323 0.55 -1.32 -9.49
N ALA A 324 0.21 -0.12 -9.03
CA ALA A 324 -1.01 0.08 -8.23
C ALA A 324 -2.22 -0.03 -9.13
N GLN A 325 -2.12 0.30 -10.40
CA GLN A 325 -3.25 0.20 -11.34
C GLN A 325 -3.54 -1.21 -11.79
N LYS A 326 -2.69 -2.11 -11.35
CA LYS A 326 -2.77 -3.54 -11.67
C LYS A 326 -3.01 -4.39 -10.41
N GLY A 327 -2.82 -3.82 -9.28
CA GLY A 327 -2.92 -4.32 -7.96
C GLY A 327 -4.32 -4.58 -7.44
N GLU A 328 -4.37 -4.94 -6.18
CA GLU A 328 -5.64 -5.27 -5.51
C GLU A 328 -5.79 -4.39 -4.30
N ILE A 329 -6.82 -3.52 -4.40
CA ILE A 329 -7.06 -2.62 -3.24
C ILE A 329 -7.18 -3.55 -2.02
N MET A 330 -6.40 -3.26 -1.05
CA MET A 330 -6.36 -3.99 0.23
C MET A 330 -7.71 -3.76 0.89
N PRO A 331 -8.51 -4.81 0.99
CA PRO A 331 -9.85 -4.71 1.62
C PRO A 331 -9.71 -4.11 3.01
N ASN A 332 -10.68 -3.26 3.38
CA ASN A 332 -10.70 -2.55 4.68
C ASN A 332 -11.66 -3.16 5.71
N ILE A 333 -12.22 -4.32 5.43
CA ILE A 333 -13.15 -5.01 6.34
C ILE A 333 -12.36 -5.68 7.44
N PRO A 334 -12.98 -5.91 8.60
CA PRO A 334 -12.32 -6.51 9.77
C PRO A 334 -11.85 -7.92 9.56
N GLN A 335 -12.48 -8.60 8.61
CA GLN A 335 -12.17 -9.96 8.20
C GLN A 335 -10.74 -10.03 7.64
N MET A 336 -10.17 -8.90 7.27
CA MET A 336 -8.80 -8.92 6.72
C MET A 336 -7.79 -9.43 7.73
N SER A 337 -8.07 -9.29 9.01
CA SER A 337 -7.08 -9.73 10.03
C SER A 337 -7.05 -11.25 10.06
N ALA A 338 -8.06 -11.84 9.49
CA ALA A 338 -8.26 -13.27 9.35
C ALA A 338 -7.46 -13.87 8.18
N PHE A 339 -7.37 -13.08 7.13
CA PHE A 339 -6.67 -13.40 5.87
C PHE A 339 -5.16 -13.31 6.09
N TRP A 340 -4.73 -12.23 6.73
CA TRP A 340 -3.29 -12.07 6.95
C TRP A 340 -2.75 -13.36 7.56
N TYR A 341 -3.00 -13.47 8.83
CA TYR A 341 -2.62 -14.56 9.76
C TYR A 341 -2.62 -15.94 9.12
N ALA A 342 -3.66 -16.29 8.42
CA ALA A 342 -3.89 -17.55 7.72
C ALA A 342 -3.07 -17.70 6.45
N VAL A 343 -2.87 -16.59 5.75
CA VAL A 343 -2.07 -16.58 4.49
C VAL A 343 -0.58 -16.64 4.87
N ARG A 344 -0.21 -16.02 5.98
CA ARG A 344 1.17 -16.05 6.45
C ARG A 344 1.58 -17.51 6.75
N THR A 345 0.59 -18.28 7.14
CA THR A 345 0.73 -19.68 7.53
C THR A 345 0.75 -20.60 6.34
N ALA A 346 -0.23 -20.48 5.49
CA ALA A 346 -0.34 -21.28 4.29
C ALA A 346 0.97 -21.22 3.51
N VAL A 347 1.51 -20.02 3.39
CA VAL A 347 2.73 -19.83 2.62
C VAL A 347 3.93 -20.39 3.34
N ILE A 348 4.15 -20.12 4.60
CA ILE A 348 5.34 -20.60 5.30
C ILE A 348 5.50 -22.10 5.35
N ASN A 349 4.37 -22.77 5.44
CA ASN A 349 4.23 -24.23 5.51
C ASN A 349 4.56 -24.87 4.17
N ALA A 350 4.15 -24.22 3.10
CA ALA A 350 4.35 -24.67 1.73
C ALA A 350 5.82 -24.56 1.32
N ALA A 351 6.44 -23.51 1.82
CA ALA A 351 7.84 -23.13 1.57
C ALA A 351 8.80 -23.95 2.42
N SER A 352 8.25 -24.68 3.38
CA SER A 352 9.12 -25.53 4.22
C SER A 352 8.65 -26.98 4.20
N GLY A 353 7.93 -27.39 3.16
CA GLY A 353 7.43 -28.74 2.99
C GLY A 353 6.59 -29.22 4.14
N ARG A 354 6.32 -28.38 5.13
CA ARG A 354 5.48 -28.77 6.29
C ARG A 354 4.03 -29.03 5.86
N GLN A 355 3.75 -28.79 4.60
CA GLN A 355 2.39 -29.00 4.03
C GLN A 355 2.49 -28.70 2.55
N THR A 356 1.76 -29.41 1.71
CA THR A 356 1.80 -29.16 0.26
C THR A 356 1.10 -27.83 -0.04
N VAL A 357 1.02 -27.55 -1.32
CA VAL A 357 0.37 -26.31 -1.79
C VAL A 357 -1.15 -26.46 -1.59
N ASP A 358 -1.65 -27.59 -2.06
CA ASP A 358 -3.06 -27.90 -1.97
C ASP A 358 -3.51 -28.04 -0.51
N GLU A 359 -2.64 -28.40 0.40
CA GLU A 359 -3.04 -28.56 1.80
C GLU A 359 -3.17 -27.22 2.53
N ALA A 360 -2.10 -26.46 2.37
CA ALA A 360 -1.91 -25.13 2.97
C ALA A 360 -2.98 -24.15 2.55
N LEU A 361 -3.24 -24.03 1.27
CA LEU A 361 -4.25 -23.11 0.75
C LEU A 361 -5.64 -23.50 1.21
N LYS A 362 -5.94 -24.79 1.15
CA LYS A 362 -7.26 -25.30 1.56
C LYS A 362 -7.56 -25.01 3.03
N ASP A 363 -6.61 -25.24 3.90
CA ASP A 363 -6.82 -24.98 5.32
C ASP A 363 -6.77 -23.47 5.59
N ALA A 364 -6.28 -22.72 4.64
CA ALA A 364 -6.13 -21.27 4.79
C ALA A 364 -7.51 -20.64 4.57
N GLN A 365 -8.13 -21.17 3.54
CA GLN A 365 -9.43 -20.75 3.08
C GLN A 365 -10.51 -21.08 4.09
N THR A 366 -10.43 -22.26 4.68
CA THR A 366 -11.47 -22.63 5.68
C THR A 366 -11.29 -21.67 6.84
N ARG A 367 -10.07 -21.47 7.29
CA ARG A 367 -9.80 -20.52 8.37
C ARG A 367 -10.40 -19.14 8.13
N ILE A 368 -10.25 -18.58 6.95
CA ILE A 368 -10.71 -17.26 6.54
C ILE A 368 -12.23 -17.15 6.47
N THR A 369 -12.91 -17.98 5.75
CA THR A 369 -14.37 -17.96 5.59
C THR A 369 -15.06 -18.76 6.71
N LYS A 370 -14.36 -18.89 7.82
CA LYS A 370 -14.79 -19.64 9.01
C LYS A 370 -15.72 -18.70 9.80
C1 GLC B . 8.28 0.40 7.67
C2 GLC B . 7.42 1.40 6.84
C3 GLC B . 6.11 0.75 6.40
C4 GLC B . 6.36 -0.57 5.71
C5 GLC B . 7.25 -1.49 6.54
C6 GLC B . 7.72 -2.75 5.85
O2 GLC B . 7.21 2.59 7.61
O3 GLC B . 5.40 1.63 5.50
O4 GLC B . 5.08 -1.20 5.56
O5 GLC B . 8.50 -0.76 6.87
O6 GLC B . 8.44 -3.55 6.80
C1 GLC B . 4.74 -1.75 4.32
C2 GLC B . 3.34 -1.30 3.89
C3 GLC B . 2.30 -1.96 4.77
C4 GLC B . 2.44 -3.47 4.69
C5 GLC B . 3.94 -3.86 4.91
C6 GLC B . 4.15 -5.35 5.01
O2 GLC B . 3.33 0.14 3.93
O3 GLC B . 1.00 -1.56 4.30
O4 GLC B . 1.47 -4.07 5.57
O5 GLC B . 4.80 -3.17 4.37
O6 GLC B . 5.25 -5.45 5.90
C1 GLC B . 0.39 -4.82 5.11
C2 GLC B . -0.86 -4.43 5.91
C3 GLC B . -0.71 -4.85 7.35
C4 GLC B . -0.43 -6.33 7.45
C5 GLC B . 0.81 -6.67 6.62
C6 GLC B . 1.03 -8.20 6.55
O2 GLC B . -1.00 -2.98 5.86
O3 GLC B . -1.89 -4.48 8.08
O4 GLC B . -0.12 -6.62 8.80
O5 GLC B . 0.65 -6.20 5.29
O6 GLC B . 1.89 -8.68 5.61
C1 GLC B . -0.59 -7.82 9.41
C2 GLC B . -1.83 -7.42 10.26
C3 GLC B . -1.35 -6.34 11.24
C4 GLC B . -0.30 -6.95 12.14
C5 GLC B . 0.85 -7.50 11.29
C6 GLC B . 1.75 -8.41 12.19
O2 GLC B . -2.87 -6.93 9.45
O3 GLC B . -2.46 -5.81 11.98
O4 GLC B . 0.24 -5.89 12.95
O5 GLC B . 0.41 -8.33 10.23
O6 GLC B . 2.72 -8.99 11.33
C1 GLC B . 0.27 -6.07 14.36
C2 GLC B . -0.12 -4.76 15.02
C3 GLC B . 0.98 -3.72 14.80
C4 GLC B . 2.29 -4.27 15.29
C5 GLC B . 2.65 -5.61 14.60
C6 GLC B . 3.82 -6.23 15.25
O2 GLC B . -1.34 -4.22 14.48
O3 GLC B . 0.67 -2.51 15.53
O4 GLC B . 3.29 -3.28 14.92
O5 GLC B . 1.53 -6.51 14.75
O6 GLC B . 4.40 -7.25 14.49
C1 GLC B . 4.25 -2.92 15.92
C2 GLC B . 4.27 -1.43 15.99
C3 GLC B . 5.01 -0.77 14.83
C4 GLC B . 6.22 -1.47 14.38
C5 GLC B . 6.03 -2.97 14.27
C6 GLC B . 7.28 -3.80 13.99
O2 GLC B . 2.91 -0.98 15.93
O3 GLC B . 5.37 0.58 15.27
O4 GLC B . 6.48 -0.94 13.04
O5 GLC B . 5.53 -3.43 15.55
O6 GLC B . 7.61 -4.45 15.05
C1 GLC B . 7.55 0.01 12.99
C2 GLC B . 7.03 1.28 12.34
C3 GLC B . 6.84 1.14 10.84
C4 GLC B . 8.05 0.46 10.15
C5 GLC B . 8.32 -0.87 10.87
C6 GLC B . 9.55 -1.57 10.33
O2 GLC B . 5.75 1.61 12.91
O3 GLC B . 6.69 2.45 10.27
O4 GLC B . 7.54 0.15 8.83
O5 GLC B . 8.61 -0.56 12.28
O6 GLC B . 9.20 -2.95 10.21
#